data_3QDH
#
_entry.id   3QDH
#
_cell.length_a   47.528
_cell.length_b   39.799
_cell.length_c   77.139
_cell.angle_alpha   90.00
_cell.angle_beta   98.34
_cell.angle_gamma   90.00
#
_symmetry.space_group_name_H-M   'P 1 21 1'
#
loop_
_entity.id
_entity.type
_entity.pdbx_description
1 polymer 'Fimbrial structural subunit'
2 non-polymer 'ZINC ION'
3 water water
#
_entity_poly.entity_id   1
_entity_poly.type   'polypeptide(L)'
_entity_poly.pdbx_seq_one_letter_code
;NEAISVEKSIQEQKLNGYGVGSLIKFPVSSTAPTLDAKSFYKYFQLRDTLDDRLTAVTATEVSLEGTTLDPTDYKVDTKG
QTVTVTFTAEGLKRIKAAPGKKVSAVFQGKVTEARNGAITNRAQVISDTVYAEQPPTPEEPPANPENPPTSNEVTSRWGD
LLIKKVDNHQQGQDKAGLQGAQFQLYKAKNAYAGTCTKDKEGDPIAINGETTLTTDAQGAINVKGLFISDSIDGANRDNQ
KDATARCYVLVETKAPAGYVLPAGDGAVTPVKIEVGAVTTDNVTIENTKQ
;
_entity_poly.pdbx_strand_id   A
#
loop_
_chem_comp.id
_chem_comp.type
_chem_comp.name
_chem_comp.formula
ZN non-polymer 'ZINC ION' 'Zn 2'
#
# COMPACT_ATOMS: atom_id res chain seq x y z
N ILE A 4 -6.32 -2.23 25.85
CA ILE A 4 -5.72 -2.79 24.60
C ILE A 4 -6.20 -2.00 23.39
N SER A 5 -5.24 -1.57 22.57
CA SER A 5 -5.55 -0.79 21.37
C SER A 5 -4.64 -1.18 20.20
N VAL A 6 -5.08 -0.89 18.98
CA VAL A 6 -4.33 -1.18 17.76
C VAL A 6 -4.21 0.07 16.94
N GLU A 7 -3.02 0.32 16.42
CA GLU A 7 -2.79 1.49 15.60
C GLU A 7 -2.37 1.06 14.20
N LYS A 8 -2.89 1.75 13.19
CA LYS A 8 -2.54 1.42 11.81
C LYS A 8 -2.05 2.66 11.07
N SER A 9 -1.04 2.47 10.23
CA SER A 9 -0.52 3.53 9.38
C SER A 9 -0.36 3.02 7.94
N ILE A 10 0.31 3.80 7.12
CA ILE A 10 0.67 3.41 5.74
C ILE A 10 2.09 3.89 5.42
N GLN A 11 2.89 3.01 4.83
CA GLN A 11 4.20 3.38 4.33
C GLN A 11 4.08 4.40 3.19
N GLU A 12 4.92 5.43 3.22
CA GLU A 12 5.13 6.32 2.06
C GLU A 12 5.04 5.51 0.78
N GLN A 13 4.03 5.77 -0.06
CA GLN A 13 3.86 5.00 -1.29
C GLN A 13 5.07 5.07 -2.24
N LYS A 14 5.78 6.19 -2.22
CA LYS A 14 7.02 6.38 -2.99
C LYS A 14 7.99 5.20 -2.83
N LEU A 15 8.14 4.74 -1.58
CA LEU A 15 9.04 3.64 -1.26
C LEU A 15 8.64 2.32 -1.90
N ASN A 16 7.39 2.23 -2.34
CA ASN A 16 6.88 1.00 -2.91
C ASN A 16 6.47 1.10 -4.39
N GLY A 17 6.33 2.33 -4.88
CA GLY A 17 6.00 2.56 -6.30
C GLY A 17 4.63 3.17 -6.49
N TYR A 18 4.56 4.14 -7.40
CA TYR A 18 3.35 4.92 -7.64
C TYR A 18 2.30 4.21 -8.50
N GLY A 19 2.73 3.19 -9.23
CA GLY A 19 1.84 2.54 -10.22
C GLY A 19 1.18 1.26 -9.77
N VAL A 20 0.10 0.91 -10.45
CA VAL A 20 -0.58 -0.36 -10.30
C VAL A 20 0.42 -1.52 -10.42
N GLY A 21 0.27 -2.53 -9.55
CA GLY A 21 1.22 -3.63 -9.47
C GLY A 21 2.26 -3.44 -8.38
N SER A 22 2.25 -2.26 -7.77
CA SER A 22 3.09 -1.98 -6.60
C SER A 22 2.42 -2.51 -5.33
N LEU A 23 3.21 -2.73 -4.29
CA LEU A 23 2.65 -3.06 -2.99
C LEU A 23 2.16 -1.82 -2.26
N ILE A 24 1.10 -1.95 -1.49
CA ILE A 24 0.83 -1.00 -0.41
C ILE A 24 1.17 -1.72 0.88
N LYS A 25 1.96 -1.06 1.73
CA LYS A 25 2.40 -1.61 3.00
C LYS A 25 1.81 -0.83 4.17
N PHE A 26 1.19 -1.58 5.09
CA PHE A 26 0.51 -1.00 6.24
C PHE A 26 1.17 -1.45 7.54
N PRO A 27 1.96 -0.55 8.17
CA PRO A 27 2.45 -0.83 9.54
C PRO A 27 1.30 -0.88 10.55
N VAL A 28 1.25 -1.96 11.32
CA VAL A 28 0.21 -2.18 12.33
C VAL A 28 0.92 -2.46 13.64
N SER A 29 0.48 -1.81 14.72
CA SER A 29 1.08 -2.04 16.03
C SER A 29 0.11 -1.98 17.21
N SER A 30 0.43 -2.75 18.25
CA SER A 30 -0.33 -2.75 19.48
C SER A 30 0.63 -2.75 20.67
N THR A 31 0.42 -1.84 21.61
CA THR A 31 1.28 -1.77 22.80
C THR A 31 0.91 -2.92 23.72
N ALA A 32 1.91 -3.72 24.10
CA ALA A 32 1.67 -4.86 24.99
C ALA A 32 1.27 -4.39 26.40
N PRO A 33 0.16 -4.93 26.93
CA PRO A 33 -0.28 -4.57 28.27
C PRO A 33 0.70 -5.03 29.35
N THR A 34 0.54 -4.47 30.55
CA THR A 34 1.30 -4.90 31.71
C THR A 34 0.46 -5.95 32.43
N LEU A 35 0.92 -7.20 32.39
CA LEU A 35 0.16 -8.29 32.99
C LEU A 35 0.63 -8.51 34.42
N ASP A 36 -0.31 -8.89 35.29
CA ASP A 36 0.04 -9.39 36.62
C ASP A 36 0.98 -10.57 36.48
N ALA A 37 1.81 -10.79 37.50
CA ALA A 37 2.74 -11.91 37.56
C ALA A 37 2.12 -13.25 37.12
N LYS A 38 0.89 -13.54 37.57
CA LYS A 38 0.26 -14.83 37.30
C LYS A 38 -0.84 -14.76 36.22
N SER A 39 -0.76 -13.75 35.36
CA SER A 39 -1.67 -13.63 34.22
C SER A 39 -0.88 -13.96 32.94
N PHE A 40 -1.43 -14.85 32.12
CA PHE A 40 -0.75 -15.31 30.91
C PHE A 40 -1.62 -15.18 29.68
N TYR A 41 -1.00 -14.97 28.52
CA TYR A 41 -1.71 -15.03 27.24
C TYR A 41 -2.17 -16.45 26.88
N LYS A 42 -3.45 -16.57 26.51
CA LYS A 42 -3.95 -17.78 25.86
C LYS A 42 -3.56 -17.70 24.40
N TYR A 43 -3.58 -16.48 23.87
CA TYR A 43 -3.17 -16.24 22.50
C TYR A 43 -2.98 -14.73 22.27
N PHE A 44 -2.33 -14.39 21.17
CA PHE A 44 -2.12 -13.00 20.77
C PHE A 44 -1.93 -12.99 19.25
N GLN A 45 -2.85 -12.35 18.53
CA GLN A 45 -2.84 -12.37 17.07
C GLN A 45 -3.13 -10.99 16.50
N LEU A 46 -2.34 -10.58 15.51
CA LEU A 46 -2.67 -9.41 14.71
C LEU A 46 -3.40 -9.91 13.44
N ARG A 47 -4.54 -9.30 13.15
CA ARG A 47 -5.41 -9.76 12.07
C ARG A 47 -5.76 -8.58 11.18
N ASP A 48 -5.85 -8.84 9.88
CA ASP A 48 -6.14 -7.81 8.90
C ASP A 48 -6.78 -8.45 7.68
N THR A 49 -8.02 -8.08 7.39
CA THR A 49 -8.66 -8.48 6.14
C THR A 49 -8.42 -7.35 5.16
N LEU A 50 -7.60 -7.61 4.14
CA LEU A 50 -7.25 -6.56 3.21
C LEU A 50 -8.32 -6.37 2.14
N ASP A 51 -8.42 -5.12 1.69
CA ASP A 51 -9.30 -4.69 0.61
C ASP A 51 -9.12 -5.56 -0.63
N ASP A 52 -10.23 -5.92 -1.26
CA ASP A 52 -10.27 -6.80 -2.45
C ASP A 52 -9.40 -6.36 -3.63
N ARG A 53 -9.06 -5.08 -3.69
CA ARG A 53 -8.19 -4.57 -4.75
C ARG A 53 -6.73 -4.97 -4.54
N LEU A 54 -6.44 -5.50 -3.35
CA LEU A 54 -5.09 -5.95 -3.03
C LEU A 54 -4.98 -7.47 -3.13
N THR A 55 -3.96 -7.92 -3.86
CA THR A 55 -3.79 -9.35 -4.11
C THR A 55 -2.49 -9.86 -3.50
N ALA A 56 -2.38 -11.20 -3.40
CA ALA A 56 -1.23 -11.87 -2.80
C ALA A 56 -0.94 -11.29 -1.40
N VAL A 57 -1.98 -11.12 -0.61
CA VAL A 57 -1.89 -10.42 0.67
C VAL A 57 -1.14 -11.27 1.71
N THR A 58 -0.34 -10.59 2.53
CA THR A 58 0.51 -11.26 3.52
C THR A 58 0.95 -10.23 4.56
N ALA A 59 1.85 -10.65 5.44
CA ALA A 59 2.46 -9.78 6.41
C ALA A 59 3.96 -10.07 6.49
N THR A 60 4.75 -9.01 6.68
CA THR A 60 6.20 -9.11 6.85
C THR A 60 6.65 -8.26 8.04
N GLU A 61 7.95 -8.30 8.35
CA GLU A 61 8.57 -7.46 9.39
C GLU A 61 7.88 -7.57 10.75
N VAL A 62 7.56 -8.79 11.16
CA VAL A 62 6.94 -9.01 12.47
C VAL A 62 7.98 -8.65 13.51
N SER A 63 7.57 -7.84 14.49
CA SER A 63 8.53 -7.30 15.46
C SER A 63 7.97 -7.16 16.86
N LEU A 64 8.86 -7.27 17.84
CA LEU A 64 8.56 -6.88 19.20
C LEU A 64 9.61 -5.86 19.59
N GLU A 65 9.17 -4.64 19.85
CA GLU A 65 10.07 -3.51 20.10
C GLU A 65 11.06 -3.80 21.23
N GLY A 66 12.34 -3.56 20.96
CA GLY A 66 13.40 -3.74 21.95
C GLY A 66 13.96 -5.16 22.00
N THR A 67 13.47 -6.00 21.10
CA THR A 67 13.76 -7.43 21.07
C THR A 67 14.07 -7.83 19.63
N THR A 68 14.84 -8.90 19.45
CA THR A 68 14.95 -9.53 18.14
C THR A 68 14.28 -10.91 18.23
N LEU A 69 13.16 -11.04 17.51
CA LEU A 69 12.41 -12.30 17.44
C LEU A 69 13.15 -13.34 16.61
N ASP A 70 12.84 -14.62 16.83
CA ASP A 70 13.32 -15.67 15.98
C ASP A 70 12.12 -16.19 15.15
N PRO A 71 12.40 -16.91 14.05
CA PRO A 71 11.35 -17.34 13.12
C PRO A 71 10.28 -18.26 13.74
N THR A 72 10.58 -18.88 14.89
CA THR A 72 9.61 -19.75 15.56
C THR A 72 8.73 -19.03 16.60
N ASP A 73 8.81 -17.68 16.63
CA ASP A 73 8.04 -16.86 17.57
C ASP A 73 6.60 -16.57 17.11
N TYR A 74 6.33 -16.80 15.83
CA TYR A 74 5.02 -16.47 15.27
C TYR A 74 4.81 -17.25 13.98
N LYS A 75 3.57 -17.26 13.51
CA LYS A 75 3.24 -17.82 12.21
C LYS A 75 2.39 -16.81 11.45
N VAL A 76 2.78 -16.55 10.20
CA VAL A 76 1.99 -15.70 9.29
C VAL A 76 1.20 -16.61 8.34
N ASP A 77 -0.09 -16.33 8.20
CA ASP A 77 -0.98 -17.14 7.36
C ASP A 77 -1.94 -16.22 6.63
N THR A 78 -2.36 -16.63 5.43
CA THR A 78 -3.42 -15.95 4.72
C THR A 78 -4.56 -16.94 4.46
N LYS A 79 -5.78 -16.56 4.85
CA LYS A 79 -7.00 -17.27 4.46
C LYS A 79 -7.91 -16.29 3.72
N GLY A 80 -8.05 -16.47 2.41
CA GLY A 80 -8.79 -15.51 1.59
C GLY A 80 -8.08 -14.16 1.57
N GLN A 81 -8.78 -13.12 2.01
CA GLN A 81 -8.16 -11.80 2.13
C GLN A 81 -7.63 -11.53 3.55
N THR A 82 -7.83 -12.49 4.45
CA THR A 82 -7.52 -12.28 5.87
C THR A 82 -6.12 -12.79 6.22
N VAL A 83 -5.24 -11.86 6.62
CA VAL A 83 -3.89 -12.21 7.04
C VAL A 83 -3.83 -12.24 8.57
N THR A 84 -3.17 -13.25 9.14
CA THR A 84 -2.98 -13.33 10.57
C THR A 84 -1.50 -13.51 10.92
N VAL A 85 -1.09 -12.87 12.01
CA VAL A 85 0.23 -13.06 12.61
C VAL A 85 -0.08 -13.57 14.00
N THR A 86 0.20 -14.85 14.21
CA THR A 86 -0.23 -15.52 15.42
C THR A 86 1.02 -15.92 16.17
N PHE A 87 1.14 -15.45 17.40
CA PHE A 87 2.34 -15.69 18.17
C PHE A 87 2.32 -17.08 18.78
N THR A 88 3.47 -17.76 18.78
CA THR A 88 3.56 -19.13 19.27
C THR A 88 3.77 -19.07 20.79
N ALA A 89 3.87 -20.23 21.43
CA ALA A 89 4.10 -20.25 22.89
C ALA A 89 5.31 -19.40 23.32
N GLU A 90 6.44 -19.56 22.62
CA GLU A 90 7.67 -18.78 22.88
C GLU A 90 7.41 -17.29 22.70
N GLY A 91 6.71 -16.96 21.63
CA GLY A 91 6.36 -15.57 21.34
C GLY A 91 5.49 -14.95 22.42
N LEU A 92 4.53 -15.72 22.93
CA LEU A 92 3.63 -15.20 23.97
C LEU A 92 4.37 -14.93 25.26
N LYS A 93 5.35 -15.78 25.58
CA LYS A 93 6.22 -15.55 26.74
C LYS A 93 7.02 -14.25 26.57
N ARG A 94 7.56 -14.02 25.38
CA ARG A 94 8.26 -12.74 25.09
C ARG A 94 7.40 -11.50 25.29
N ILE A 95 6.16 -11.56 24.77
CA ILE A 95 5.25 -10.44 24.86
C ILE A 95 4.88 -10.14 26.31
N LYS A 96 4.61 -11.17 27.10
CA LYS A 96 4.39 -10.98 28.54
C LYS A 96 5.58 -10.30 29.25
N ALA A 97 6.79 -10.67 28.85
CA ALA A 97 8.02 -10.14 29.44
C ALA A 97 8.38 -8.75 28.91
N ALA A 98 7.57 -8.22 28.00
CA ALA A 98 7.83 -6.93 27.35
C ALA A 98 6.69 -5.92 27.53
N PRO A 99 6.23 -5.68 28.78
CA PRO A 99 5.11 -4.77 28.95
C PRO A 99 5.44 -3.36 28.46
N GLY A 100 4.47 -2.70 27.81
CA GLY A 100 4.67 -1.36 27.25
C GLY A 100 5.39 -1.30 25.91
N LYS A 101 5.81 -2.45 25.39
CA LYS A 101 6.54 -2.48 24.13
C LYS A 101 5.60 -2.76 22.96
N LYS A 102 5.91 -2.20 21.80
CA LYS A 102 5.06 -2.40 20.62
C LYS A 102 5.26 -3.74 19.91
N VAL A 103 4.14 -4.44 19.75
CA VAL A 103 4.05 -5.64 18.93
C VAL A 103 3.53 -5.19 17.56
N SER A 104 4.26 -5.51 16.49
CA SER A 104 3.92 -4.97 15.17
C SER A 104 4.15 -5.93 14.00
N ALA A 105 3.53 -5.62 12.87
CA ALA A 105 3.80 -6.26 11.61
C ALA A 105 3.41 -5.30 10.50
N VAL A 106 3.89 -5.59 9.30
CA VAL A 106 3.53 -4.78 8.12
C VAL A 106 2.65 -5.65 7.23
N PHE A 107 1.37 -5.33 7.15
CA PHE A 107 0.47 -6.05 6.25
C PHE A 107 0.59 -5.43 4.87
N GLN A 108 0.39 -6.24 3.83
CA GLN A 108 0.65 -5.78 2.48
C GLN A 108 -0.09 -6.56 1.41
N GLY A 109 -0.24 -5.92 0.25
CA GLY A 109 -0.87 -6.56 -0.90
C GLY A 109 -0.50 -5.79 -2.14
N LYS A 110 -0.67 -6.42 -3.30
CA LYS A 110 -0.35 -5.80 -4.58
C LYS A 110 -1.58 -5.10 -5.16
N VAL A 111 -1.43 -3.84 -5.57
CA VAL A 111 -2.55 -3.06 -6.10
C VAL A 111 -2.90 -3.57 -7.49
N THR A 112 -4.14 -4.00 -7.67
CA THR A 112 -4.59 -4.51 -8.97
C THR A 112 -5.27 -3.43 -9.80
N GLU A 113 -5.97 -2.52 -9.13
CA GLU A 113 -6.69 -1.41 -9.78
C GLU A 113 -7.27 -0.43 -8.76
N ALA A 114 -7.59 0.78 -9.24
CA ALA A 114 -8.08 1.86 -8.41
C ALA A 114 -9.55 1.74 -7.98
N ARG A 115 -10.42 1.38 -8.92
CA ARG A 115 -11.89 1.38 -8.72
C ARG A 115 -12.40 2.72 -8.20
N ASN A 116 -13.20 2.72 -7.13
CA ASN A 116 -13.74 3.96 -6.55
C ASN A 116 -12.62 4.90 -6.09
N GLY A 117 -11.42 4.35 -5.98
CA GLY A 117 -10.24 5.15 -5.70
C GLY A 117 -9.84 5.29 -4.25
N ALA A 118 -10.66 4.75 -3.34
CA ALA A 118 -10.37 4.83 -1.91
C ALA A 118 -10.16 3.44 -1.33
N ILE A 119 -8.90 3.04 -1.18
CA ILE A 119 -8.58 1.73 -0.60
C ILE A 119 -8.40 1.92 0.90
N THR A 120 -9.28 1.30 1.68
CA THR A 120 -9.27 1.49 3.13
C THR A 120 -8.72 0.25 3.82
N ASN A 121 -8.30 0.41 5.07
CA ASN A 121 -7.79 -0.70 5.84
C ASN A 121 -7.99 -0.48 7.33
N ARG A 122 -8.36 -1.56 8.01
CA ARG A 122 -8.32 -1.64 9.47
C ARG A 122 -7.62 -2.95 9.85
N ALA A 123 -7.11 -3.00 11.07
CA ALA A 123 -6.52 -4.22 11.62
C ALA A 123 -7.09 -4.44 13.00
N GLN A 124 -6.95 -5.66 13.52
CA GLN A 124 -7.44 -5.99 14.84
C GLN A 124 -6.37 -6.70 15.67
N VAL A 125 -6.50 -6.64 16.98
CA VAL A 125 -5.70 -7.48 17.86
C VAL A 125 -6.65 -8.45 18.56
N ILE A 126 -6.39 -9.74 18.36
CA ILE A 126 -7.19 -10.81 18.95
C ILE A 126 -6.31 -11.44 20.02
N SER A 127 -6.59 -11.14 21.28
CA SER A 127 -5.80 -11.68 22.37
CA SER A 127 -5.80 -11.65 22.39
C SER A 127 -6.67 -11.89 23.62
N ASP A 128 -6.19 -12.76 24.50
CA ASP A 128 -6.89 -13.02 25.76
C ASP A 128 -5.86 -13.52 26.77
N THR A 129 -6.17 -13.31 28.04
CA THR A 129 -5.31 -13.71 29.14
C THR A 129 -6.11 -14.46 30.19
N VAL A 130 -5.41 -15.22 31.03
CA VAL A 130 -6.05 -16.01 32.09
C VAL A 130 -5.12 -16.03 33.32
N TYR A 131 -5.70 -15.96 34.52
CA TYR A 131 -4.93 -16.17 35.75
C TYR A 131 -4.67 -17.67 35.88
N ALA A 132 -3.41 -18.02 36.12
CA ALA A 132 -3.05 -19.41 36.35
C ALA A 132 -1.90 -19.51 37.35
N GLU A 133 -1.92 -20.55 38.18
CA GLU A 133 -0.80 -20.82 39.08
C GLU A 133 0.37 -21.41 38.30
N GLN A 134 0.05 -22.10 37.21
CA GLN A 134 1.07 -22.59 36.28
C GLN A 134 0.79 -22.07 34.86
N PRO A 135 1.85 -21.60 34.16
CA PRO A 135 1.76 -21.04 32.81
C PRO A 135 1.19 -22.00 31.76
N PRO A 136 0.07 -21.64 31.09
CA PRO A 136 -0.58 -22.58 30.18
C PRO A 136 -0.09 -22.59 28.74
N THR A 137 -0.28 -23.73 28.07
CA THR A 137 -0.13 -23.88 26.63
C THR A 137 -1.11 -22.92 25.95
N PRO A 138 -0.72 -22.35 24.79
CA PRO A 138 -1.61 -21.44 24.05
C PRO A 138 -2.79 -22.15 23.42
N GLU A 139 -3.77 -21.36 22.98
CA GLU A 139 -4.95 -21.88 22.32
C GLU A 139 -5.12 -21.18 20.98
N GLU A 140 -5.81 -21.83 20.06
CA GLU A 140 -6.10 -21.22 18.76
C GLU A 140 -7.02 -20.03 18.98
N PRO A 141 -6.64 -18.85 18.45
CA PRO A 141 -7.52 -17.68 18.56
C PRO A 141 -8.88 -17.98 17.89
N PRO A 142 -9.97 -17.39 18.42
CA PRO A 142 -11.28 -17.66 17.80
C PRO A 142 -11.40 -17.08 16.38
N ALA A 143 -12.13 -17.77 15.51
CA ALA A 143 -12.32 -17.31 14.14
C ALA A 143 -13.14 -16.02 14.07
N ASN A 144 -14.11 -15.89 14.97
CA ASN A 144 -15.07 -14.79 14.93
C ASN A 144 -15.35 -14.17 16.32
N PRO A 145 -14.31 -13.59 16.97
CA PRO A 145 -14.58 -12.95 18.26
C PRO A 145 -15.53 -11.78 18.09
N GLU A 146 -16.31 -11.48 19.13
CA GLU A 146 -17.25 -10.38 19.06
C GLU A 146 -16.53 -9.08 19.36
N ASN A 147 -16.69 -8.11 18.44
CA ASN A 147 -16.16 -6.76 18.62
C ASN A 147 -14.75 -6.67 19.27
N PRO A 148 -13.73 -7.28 18.64
CA PRO A 148 -12.38 -7.17 19.21
C PRO A 148 -11.80 -5.77 19.02
N PRO A 149 -10.73 -5.42 19.77
CA PRO A 149 -10.06 -4.13 19.57
C PRO A 149 -9.67 -3.96 18.09
N THR A 150 -10.01 -2.80 17.53
CA THR A 150 -9.85 -2.54 16.11
C THR A 150 -9.16 -1.19 15.92
N SER A 151 -8.30 -1.10 14.90
CA SER A 151 -7.55 0.12 14.65
C SER A 151 -8.41 1.21 14.02
N ASN A 152 -7.87 2.43 14.07
CA ASN A 152 -8.22 3.51 13.14
C ASN A 152 -8.23 2.99 11.70
N GLU A 153 -9.08 3.58 10.86
CA GLU A 153 -9.15 3.23 9.45
C GLU A 153 -8.20 4.14 8.69
N VAL A 154 -7.34 3.57 7.85
CA VAL A 154 -6.48 4.38 6.99
C VAL A 154 -6.99 4.26 5.56
N THR A 155 -6.65 5.24 4.73
CA THR A 155 -7.08 5.26 3.33
C THR A 155 -5.95 5.67 2.40
N SER A 156 -5.78 4.87 1.35
CA SER A 156 -4.86 5.16 0.27
C SER A 156 -5.69 5.43 -0.98
N ARG A 157 -5.46 6.57 -1.62
CA ARG A 157 -6.27 7.01 -2.75
C ARG A 157 -5.55 6.83 -4.08
N TRP A 158 -6.30 6.32 -5.06
CA TRP A 158 -5.75 5.93 -6.36
C TRP A 158 -6.68 6.35 -7.50
N GLY A 159 -6.08 6.67 -8.64
CA GLY A 159 -6.84 7.03 -9.83
C GLY A 159 -6.26 6.37 -11.06
N ASP A 160 -7.02 6.43 -12.15
CA ASP A 160 -6.58 5.78 -13.39
C ASP A 160 -6.29 6.82 -14.47
N LEU A 161 -5.70 6.35 -15.57
CA LEU A 161 -5.35 7.22 -16.68
C LEU A 161 -5.58 6.46 -17.97
N LEU A 162 -6.31 7.08 -18.89
CA LEU A 162 -6.48 6.54 -20.24
C LEU A 162 -5.84 7.50 -21.23
N ILE A 163 -4.84 7.00 -21.95
CA ILE A 163 -4.11 7.77 -22.95
C ILE A 163 -4.59 7.33 -24.33
N LYS A 164 -4.84 8.29 -25.22
CA LYS A 164 -5.15 7.99 -26.61
C LYS A 164 -4.23 8.76 -27.58
N LYS A 165 -3.49 8.02 -28.40
CA LYS A 165 -2.66 8.61 -29.45
C LYS A 165 -3.47 8.60 -30.74
N VAL A 166 -3.66 9.78 -31.34
CA VAL A 166 -4.46 9.92 -32.56
C VAL A 166 -3.72 10.68 -33.66
N GLY A 177 -7.07 5.92 -33.76
CA GLY A 177 -5.96 5.62 -32.84
C GLY A 177 -4.72 5.11 -33.54
N LEU A 178 -3.55 5.48 -33.02
CA LEU A 178 -2.27 5.06 -33.59
C LEU A 178 -1.52 4.09 -32.68
N GLN A 179 -1.32 2.88 -33.18
CA GLN A 179 -0.62 1.81 -32.49
C GLN A 179 0.90 2.02 -32.49
N GLY A 180 1.55 1.56 -31.43
CA GLY A 180 3.01 1.48 -31.38
C GLY A 180 3.71 2.72 -30.85
N ALA A 181 2.93 3.74 -30.49
CA ALA A 181 3.49 4.92 -29.83
C ALA A 181 3.93 4.52 -28.43
N GLN A 182 5.07 5.06 -27.99
CA GLN A 182 5.61 4.69 -26.69
C GLN A 182 5.74 5.87 -25.73
N PHE A 183 5.35 5.64 -24.48
CA PHE A 183 5.33 6.67 -23.43
C PHE A 183 5.96 6.15 -22.14
N GLN A 184 6.37 7.08 -21.28
CA GLN A 184 6.87 6.78 -19.94
C GLN A 184 6.28 7.79 -18.96
N LEU A 185 5.96 7.32 -17.76
CA LEU A 185 5.35 8.17 -16.72
C LEU A 185 6.34 8.57 -15.64
N TYR A 186 6.30 9.83 -15.24
CA TYR A 186 7.19 10.36 -14.21
C TYR A 186 6.43 11.04 -13.08
N LYS A 187 7.02 11.03 -11.89
CA LYS A 187 6.57 11.85 -10.77
C LYS A 187 6.76 13.33 -11.12
N ALA A 188 5.77 14.15 -10.83
CA ALA A 188 5.85 15.60 -11.02
C ALA A 188 6.53 16.26 -9.82
N LYS A 189 7.24 17.37 -10.07
CA LYS A 189 7.93 18.11 -9.01
C LYS A 189 6.92 18.78 -8.07
N ASN A 190 6.03 19.57 -8.66
CA ASN A 190 4.88 20.09 -7.93
C ASN A 190 3.72 19.09 -8.06
N ALA A 191 3.79 18.03 -7.27
CA ALA A 191 2.83 16.93 -7.33
C ALA A 191 1.38 17.33 -7.06
N TYR A 192 1.17 18.40 -6.30
CA TYR A 192 -0.18 18.78 -5.88
C TYR A 192 -0.66 20.16 -6.36
N ALA A 193 -0.07 20.63 -7.44
CA ALA A 193 -0.42 21.90 -8.08
C ALA A 193 -1.90 22.01 -8.43
N GLY A 194 -2.42 23.24 -8.40
CA GLY A 194 -3.78 23.51 -8.88
C GLY A 194 -3.83 23.33 -10.39
N THR A 195 -2.73 23.68 -11.05
CA THR A 195 -2.53 23.45 -12.48
C THR A 195 -1.22 22.70 -12.67
N CYS A 196 -1.31 21.48 -13.18
CA CYS A 196 -0.14 20.59 -13.33
C CYS A 196 0.87 21.09 -14.36
N THR A 197 2.14 20.81 -14.10
CA THR A 197 3.28 21.37 -14.85
C THR A 197 4.12 20.27 -15.52
N LYS A 198 4.91 20.65 -16.52
CA LYS A 198 5.81 19.73 -17.23
C LYS A 198 7.02 19.27 -16.41
N ASP A 199 7.27 19.93 -15.27
CA ASP A 199 8.43 19.63 -14.43
C ASP A 199 8.39 18.25 -13.77
N LYS A 200 9.43 17.46 -14.02
CA LYS A 200 9.48 16.07 -13.57
C LYS A 200 10.76 15.74 -12.79
N GLU A 201 10.75 14.61 -12.10
CA GLU A 201 11.93 14.06 -11.44
C GLU A 201 11.81 12.54 -11.27
N GLY A 202 12.95 11.89 -11.02
CA GLY A 202 12.98 10.45 -10.76
C GLY A 202 13.03 9.61 -12.02
N ASP A 203 13.03 8.29 -11.84
CA ASP A 203 13.01 7.34 -12.95
C ASP A 203 11.57 7.05 -13.39
N PRO A 204 11.40 6.46 -14.59
CA PRO A 204 10.07 6.07 -15.07
C PRO A 204 9.33 5.15 -14.10
N ILE A 205 8.00 5.30 -14.05
CA ILE A 205 7.16 4.54 -13.13
C ILE A 205 6.74 3.20 -13.76
N ALA A 206 6.96 2.12 -13.02
CA ALA A 206 6.55 0.79 -13.47
C ALA A 206 5.04 0.59 -13.36
N ILE A 207 4.41 0.27 -14.49
CA ILE A 207 2.99 -0.06 -14.54
C ILE A 207 2.90 -1.56 -14.78
N ASN A 208 2.42 -2.28 -13.77
CA ASN A 208 2.46 -3.75 -13.77
C ASN A 208 3.83 -4.30 -14.19
N GLY A 209 4.89 -3.69 -13.67
CA GLY A 209 6.26 -4.15 -13.89
C GLY A 209 6.94 -3.59 -15.14
N GLU A 210 6.17 -2.93 -15.99
CA GLU A 210 6.68 -2.36 -17.23
C GLU A 210 6.78 -0.84 -17.15
N THR A 211 7.96 -0.32 -17.48
CA THR A 211 8.22 1.14 -17.42
C THR A 211 8.05 1.84 -18.77
N THR A 212 7.77 1.07 -19.81
CA THR A 212 7.46 1.62 -21.13
C THR A 212 6.05 1.21 -21.51
N LEU A 213 5.26 2.20 -21.90
CA LEU A 213 3.86 1.98 -22.26
C LEU A 213 3.70 2.12 -23.77
N THR A 214 2.98 1.16 -24.36
CA THR A 214 2.77 1.12 -25.81
C THR A 214 1.29 1.12 -26.13
N THR A 215 0.89 2.05 -27.00
CA THR A 215 -0.50 2.15 -27.47
C THR A 215 -0.88 0.93 -28.30
N ASP A 216 -2.10 0.46 -28.08
CA ASP A 216 -2.60 -0.73 -28.79
C ASP A 216 -3.20 -0.34 -30.16
N ALA A 217 -3.88 -1.30 -30.79
CA ALA A 217 -4.48 -1.09 -32.12
C ALA A 217 -5.43 0.12 -32.16
N GLN A 218 -6.05 0.43 -31.03
CA GLN A 218 -6.99 1.55 -30.92
C GLN A 218 -6.29 2.83 -30.46
N GLY A 219 -4.96 2.77 -30.36
CA GLY A 219 -4.15 3.90 -29.93
C GLY A 219 -4.27 4.20 -28.44
N ALA A 220 -4.67 3.20 -27.67
CA ALA A 220 -4.96 3.39 -26.24
C ALA A 220 -3.90 2.77 -25.32
N ILE A 221 -3.59 3.49 -24.23
CA ILE A 221 -2.92 2.93 -23.06
C ILE A 221 -3.84 3.12 -21.85
N ASN A 222 -4.18 2.04 -21.17
CA ASN A 222 -5.02 2.12 -19.98
C ASN A 222 -4.23 1.83 -18.70
N VAL A 223 -3.95 2.88 -17.94
CA VAL A 223 -3.26 2.77 -16.66
C VAL A 223 -4.31 2.63 -15.56
N LYS A 224 -4.44 1.42 -15.02
CA LYS A 224 -5.53 1.09 -14.09
C LYS A 224 -5.34 1.62 -12.66
N GLY A 225 -4.19 2.23 -12.37
CA GLY A 225 -3.97 2.81 -11.06
C GLY A 225 -2.69 3.60 -10.94
N LEU A 226 -2.83 4.84 -10.49
CA LEU A 226 -1.71 5.68 -10.05
C LEU A 226 -2.04 6.26 -8.68
N PHE A 227 -1.04 6.34 -7.81
CA PHE A 227 -1.20 6.86 -6.45
C PHE A 227 -1.57 8.35 -6.45
N ILE A 228 -2.51 8.74 -5.59
CA ILE A 228 -2.90 10.14 -5.47
C ILE A 228 -2.45 10.76 -4.15
N SER A 229 -2.86 10.13 -3.05
CA SER A 229 -2.59 10.63 -1.70
C SER A 229 -3.02 9.58 -0.67
N ASP A 230 -2.56 9.75 0.58
CA ASP A 230 -3.04 8.90 1.66
C ASP A 230 -3.46 9.71 2.89
N SER A 231 -4.06 9.02 3.86
CA SER A 231 -4.69 9.67 5.01
C SER A 231 -3.70 9.97 6.15
N ILE A 232 -2.42 9.65 5.95
CA ILE A 232 -1.41 9.85 7.00
C ILE A 232 -0.78 11.24 6.93
N ASP A 233 -0.72 11.92 8.05
CA ASP A 233 -0.04 13.22 8.12
C ASP A 233 1.42 13.05 8.55
N GLY A 234 2.24 14.07 8.32
CA GLY A 234 3.64 14.02 8.69
C GLY A 234 4.58 14.64 7.69
N ALA A 235 5.68 15.17 8.20
CA ALA A 235 6.67 15.90 7.42
C ALA A 235 7.32 15.03 6.34
N ASN A 236 7.53 15.63 5.17
CA ASN A 236 8.34 15.04 4.09
C ASN A 236 7.89 13.64 3.63
N ARG A 237 6.58 13.44 3.49
CA ARG A 237 6.04 12.13 3.13
C ARG A 237 5.65 11.97 1.65
N ASP A 238 5.95 12.97 0.82
CA ASP A 238 5.56 12.94 -0.59
C ASP A 238 4.03 12.81 -0.68
N ASN A 239 3.34 13.55 0.18
CA ASN A 239 1.90 13.39 0.37
C ASN A 239 1.22 14.72 0.64
N GLN A 240 -0.08 14.76 0.37
CA GLN A 240 -0.96 15.82 0.84
C GLN A 240 -2.24 15.16 1.32
N LYS A 241 -2.39 15.11 2.64
CA LYS A 241 -3.41 14.29 3.33
C LYS A 241 -4.82 14.35 2.74
N ASP A 242 -5.32 15.56 2.46
CA ASP A 242 -6.70 15.73 2.02
C ASP A 242 -6.86 15.94 0.52
N ALA A 243 -5.89 15.46 -0.26
CA ALA A 243 -5.91 15.66 -1.71
C ALA A 243 -6.64 14.56 -2.48
N THR A 244 -7.42 14.98 -3.46
CA THR A 244 -8.24 14.06 -4.27
C THR A 244 -7.74 14.01 -5.72
N ALA A 245 -6.61 14.67 -5.98
CA ALA A 245 -5.98 14.69 -7.29
C ALA A 245 -4.46 14.87 -7.14
N ARG A 246 -3.69 14.28 -8.06
CA ARG A 246 -2.23 14.39 -8.04
C ARG A 246 -1.68 14.53 -9.47
N CYS A 247 -0.63 15.34 -9.62
CA CYS A 247 0.02 15.57 -10.91
C CYS A 247 1.11 14.54 -11.22
N TYR A 248 1.14 14.13 -12.49
CA TYR A 248 2.22 13.33 -13.04
C TYR A 248 2.68 13.95 -14.37
N VAL A 249 3.79 13.45 -14.89
CA VAL A 249 4.36 13.94 -16.15
C VAL A 249 4.50 12.79 -17.16
N LEU A 250 3.79 12.92 -18.28
CA LEU A 250 3.83 11.93 -19.35
C LEU A 250 4.82 12.35 -20.43
N VAL A 251 5.73 11.44 -20.79
CA VAL A 251 6.76 11.71 -21.78
C VAL A 251 6.63 10.72 -22.94
N GLU A 252 6.48 11.24 -24.17
CA GLU A 252 6.51 10.39 -25.36
C GLU A 252 7.96 10.04 -25.72
N THR A 253 8.25 8.75 -25.79
CA THR A 253 9.60 8.26 -26.03
C THR A 253 9.80 7.76 -27.46
N LYS A 254 8.71 7.34 -28.10
CA LYS A 254 8.75 6.87 -29.48
C LYS A 254 7.46 7.18 -30.22
N ALA A 255 7.60 7.85 -31.37
CA ALA A 255 6.48 8.16 -32.23
C ALA A 255 5.99 6.90 -32.92
N PRO A 256 4.68 6.82 -33.23
CA PRO A 256 4.23 5.69 -34.04
C PRO A 256 4.84 5.78 -35.45
N ALA A 257 4.82 4.67 -36.19
CA ALA A 257 5.48 4.59 -37.50
C ALA A 257 5.08 5.71 -38.47
N GLY A 258 6.09 6.48 -38.90
CA GLY A 258 5.90 7.55 -39.88
C GLY A 258 5.54 8.91 -39.33
N TYR A 259 5.45 9.03 -38.01
CA TYR A 259 5.01 10.28 -37.38
C TYR A 259 6.13 11.06 -36.71
N VAL A 260 5.92 12.36 -36.56
CA VAL A 260 6.90 13.25 -35.92
C VAL A 260 6.86 13.07 -34.40
N LEU A 261 8.03 12.79 -33.81
CA LEU A 261 8.22 12.84 -32.37
C LEU A 261 8.70 14.24 -31.99
N PRO A 262 7.84 15.05 -31.36
CA PRO A 262 8.17 16.45 -31.04
C PRO A 262 9.43 16.59 -30.20
N ALA A 263 10.16 17.69 -30.41
CA ALA A 263 11.44 17.91 -29.75
C ALA A 263 11.27 18.55 -28.37
N GLY A 264 12.11 18.12 -27.42
CA GLY A 264 12.13 18.67 -26.06
C GLY A 264 10.77 18.67 -25.39
N ASP A 265 10.31 19.87 -25.02
CA ASP A 265 9.05 20.07 -24.29
C ASP A 265 7.79 19.68 -25.08
N GLY A 266 7.95 19.52 -26.40
CA GLY A 266 6.82 19.14 -27.25
C GLY A 266 6.28 17.76 -26.93
N ALA A 267 7.15 16.88 -26.45
CA ALA A 267 6.81 15.48 -26.18
C ALA A 267 6.47 15.21 -24.71
N VAL A 268 6.33 16.27 -23.92
CA VAL A 268 6.06 16.17 -22.48
C VAL A 268 4.66 16.71 -22.14
N THR A 269 3.84 15.87 -21.50
CA THR A 269 2.47 16.24 -21.15
C THR A 269 2.20 16.12 -19.64
N PRO A 270 1.76 17.22 -19.01
CA PRO A 270 1.32 17.17 -17.61
C PRO A 270 -0.06 16.51 -17.50
N VAL A 271 -0.21 15.56 -16.57
CA VAL A 271 -1.50 14.89 -16.37
C VAL A 271 -1.99 14.96 -14.92
N LYS A 272 -3.27 15.30 -14.76
CA LYS A 272 -3.93 15.40 -13.46
C LYS A 272 -4.77 14.16 -13.18
N ILE A 273 -4.29 13.33 -12.26
CA ILE A 273 -4.97 12.08 -11.88
C ILE A 273 -5.94 12.34 -10.73
N GLU A 274 -7.20 11.97 -10.91
CA GLU A 274 -8.24 12.23 -9.91
C GLU A 274 -8.86 10.93 -9.40
N VAL A 275 -9.45 10.99 -8.21
CA VAL A 275 -10.00 9.80 -7.54
C VAL A 275 -11.23 9.30 -8.27
N ASN A 282 -9.14 9.97 -21.82
CA ASN A 282 -9.08 11.14 -20.94
C ASN A 282 -7.96 12.11 -21.31
N VAL A 283 -6.82 11.57 -21.72
CA VAL A 283 -5.75 12.38 -22.28
C VAL A 283 -5.49 11.94 -23.73
N THR A 284 -5.73 12.87 -24.66
CA THR A 284 -5.56 12.60 -26.09
C THR A 284 -4.38 13.36 -26.67
N ILE A 285 -3.35 12.62 -27.07
CA ILE A 285 -2.18 13.19 -27.72
C ILE A 285 -2.37 13.16 -29.24
N GLU A 286 -2.30 14.34 -29.86
CA GLU A 286 -2.48 14.46 -31.31
C GLU A 286 -1.14 14.38 -32.04
N ASN A 287 -1.12 13.58 -33.10
CA ASN A 287 0.09 13.35 -33.90
C ASN A 287 0.02 13.97 -35.29
N THR A 288 1.14 14.50 -35.75
CA THR A 288 1.26 15.03 -37.11
C THR A 288 2.26 14.21 -37.94
N LYS A 289 1.84 13.84 -39.15
CA LYS A 289 2.65 13.00 -40.02
C LYS A 289 3.74 13.80 -40.73
N GLN A 290 4.91 13.18 -40.88
CA GLN A 290 6.02 13.75 -41.65
C GLN A 290 5.63 14.08 -43.09
ZN ZN B . 11.51 -17.94 20.09
#